data_1BIA
#
_entry.id   1BIA
#
_cell.length_a   114.000
_cell.length_b   114.000
_cell.length_c   60.200
_cell.angle_alpha   90.00
_cell.angle_beta   90.00
_cell.angle_gamma   90.00
#
_symmetry.space_group_name_H-M   'P 43 21 2'
#
loop_
_entity.id
_entity.type
_entity.pdbx_description
1 polymer 'BirA BIFUNCTIONAL PROTEIN'
2 water water
#
_entity_poly.entity_id   1
_entity_poly.type   'polypeptide(L)'
_entity_poly.pdbx_seq_one_letter_code
;MKDNTVPLKLIALLANGEFHSGEQLGETLGMSRAAINKHIQTLRDWGVDVFTVPGKGYSLPEPIQLLNAKQILGQLDGGS
VAVLPVIDSTNQYLLDRIGELKSGDACIAEYQQAGRGRRGRKWFSPFGANLYLSMFWRLEQGPAAAIGLSLVIGIVMAEV
LRKLGADKVRVKWPNDLYLQDRKLAGILVELTGKTGDAAQIVIGAGINMAMRRVEESVVNQGWITLQEAGINLDRNTLAA
MLIRELRAALELFEQEGLAPYLSRWEKLDNFINRPVKLIIGDKEIFGISRGIDKQGALLLEQDGIIKPWMGGEISLRSAE
K
;
_entity_poly.pdbx_strand_id   A
#
# COMPACT_ATOMS: atom_id res chain seq x y z
N MET A 1 -17.23 15.82 2.15
CA MET A 1 -17.09 14.37 2.24
C MET A 1 -17.91 13.79 3.39
N LYS A 2 -18.31 12.52 3.26
CA LYS A 2 -19.12 11.94 4.31
C LYS A 2 -18.42 11.85 5.67
N ASP A 3 -19.23 12.01 6.72
CA ASP A 3 -18.78 11.92 8.10
C ASP A 3 -19.00 10.50 8.69
N ASN A 4 -17.89 9.76 8.93
CA ASN A 4 -17.92 8.39 9.46
C ASN A 4 -17.38 8.21 10.85
N THR A 5 -17.45 9.29 11.61
CA THR A 5 -16.96 9.30 12.97
C THR A 5 -17.52 8.25 13.91
N VAL A 6 -18.81 8.06 13.89
CA VAL A 6 -19.38 7.12 14.81
C VAL A 6 -18.94 5.70 14.52
N PRO A 7 -19.18 5.22 13.29
CA PRO A 7 -18.77 3.86 13.00
C PRO A 7 -17.31 3.67 13.43
N LEU A 8 -16.47 4.57 12.98
CA LEU A 8 -15.08 4.48 13.35
C LEU A 8 -14.92 4.44 14.85
N LYS A 9 -15.52 5.43 15.50
CA LYS A 9 -15.46 5.47 16.95
C LYS A 9 -15.91 4.13 17.51
N LEU A 10 -16.88 3.60 16.82
CA LEU A 10 -17.42 2.35 17.21
C LEU A 10 -16.48 1.21 16.92
N ILE A 11 -15.97 1.15 15.70
CA ILE A 11 -15.12 0.03 15.44
C ILE A 11 -14.00 0.03 16.43
N ALA A 12 -13.60 1.24 16.83
CA ALA A 12 -12.53 1.42 17.79
C ALA A 12 -12.92 0.79 19.12
N LEU A 13 -14.18 0.97 19.50
CA LEU A 13 -14.66 0.37 20.74
C LEU A 13 -14.55 -1.14 20.70
N LEU A 14 -15.03 -1.74 19.63
CA LEU A 14 -15.00 -3.18 19.46
C LEU A 14 -13.63 -3.78 19.20
N ALA A 15 -12.70 -2.96 18.68
CA ALA A 15 -11.33 -3.34 18.27
C ALA A 15 -10.59 -4.33 19.14
N ASN A 16 -10.77 -4.22 20.45
CA ASN A 16 -10.12 -5.11 21.39
C ASN A 16 -10.49 -6.60 21.21
N GLY A 17 -11.38 -6.90 20.27
CA GLY A 17 -11.77 -8.27 19.98
C GLY A 17 -12.67 -8.95 21.02
N GLU A 18 -13.03 -8.24 22.10
CA GLU A 18 -13.89 -8.81 23.14
C GLU A 18 -15.39 -8.61 22.86
N PHE A 19 -16.21 -8.90 23.87
CA PHE A 19 -17.64 -8.71 23.71
C PHE A 19 -18.05 -7.37 24.30
N HIS A 20 -19.00 -6.78 23.59
CA HIS A 20 -19.58 -5.53 23.96
C HIS A 20 -21.02 -5.55 23.53
N SER A 21 -21.90 -5.15 24.47
CA SER A 21 -23.36 -5.06 24.30
C SER A 21 -23.79 -3.66 23.91
N GLY A 22 -24.91 -3.62 23.21
CA GLY A 22 -25.43 -2.33 22.83
C GLY A 22 -25.55 -1.39 24.03
N GLU A 23 -26.08 -1.88 25.15
CA GLU A 23 -26.21 -1.01 26.32
C GLU A 23 -24.89 -0.39 26.62
N GLN A 24 -23.90 -1.28 26.61
CA GLN A 24 -22.54 -0.93 26.89
C GLN A 24 -22.03 0.11 25.90
N LEU A 25 -22.17 -0.22 24.62
CA LEU A 25 -21.74 0.71 23.61
C LEU A 25 -22.49 2.04 23.78
N GLY A 26 -23.82 1.97 23.75
CA GLY A 26 -24.69 3.14 23.87
C GLY A 26 -24.28 4.22 24.89
N GLU A 27 -23.95 3.77 26.09
CA GLU A 27 -23.56 4.72 27.11
C GLU A 27 -22.22 5.32 26.79
N THR A 28 -21.27 4.51 26.36
CA THR A 28 -20.00 5.12 26.00
C THR A 28 -20.17 6.06 24.82
N LEU A 29 -21.10 5.74 23.92
CA LEU A 29 -21.27 6.61 22.77
C LEU A 29 -22.33 7.68 22.95
N GLY A 30 -23.20 7.45 23.93
CA GLY A 30 -24.25 8.40 24.27
C GLY A 30 -25.35 8.42 23.25
N MET A 31 -25.98 7.28 23.17
CA MET A 31 -27.03 7.21 22.23
C MET A 31 -27.69 5.88 22.39
N SER A 32 -28.90 5.84 21.83
CA SER A 32 -29.78 4.71 21.81
C SER A 32 -29.11 3.45 21.34
N ARG A 33 -29.60 2.32 21.80
CA ARG A 33 -29.12 1.01 21.41
C ARG A 33 -29.67 0.65 20.04
N ALA A 34 -30.55 1.53 19.59
CA ALA A 34 -31.18 1.46 18.29
C ALA A 34 -30.22 2.11 17.30
N ALA A 35 -29.59 3.18 17.76
CA ALA A 35 -28.63 3.80 16.91
C ALA A 35 -27.47 2.80 16.63
N ILE A 36 -26.90 2.27 17.75
CA ILE A 36 -25.83 1.29 17.73
C ILE A 36 -26.18 0.22 16.75
N ASN A 37 -27.37 -0.28 16.94
CA ASN A 37 -27.66 -1.29 16.02
C ASN A 37 -27.45 -0.74 14.59
N LYS A 38 -27.88 0.50 14.36
CA LYS A 38 -27.74 1.09 13.04
C LYS A 38 -26.30 1.19 12.53
N HIS A 39 -25.42 1.62 13.44
CA HIS A 39 -24.02 1.75 13.10
C HIS A 39 -23.31 0.41 12.91
N ILE A 40 -23.79 -0.61 13.61
CA ILE A 40 -23.20 -1.89 13.45
C ILE A 40 -23.40 -2.31 12.01
N GLN A 41 -24.51 -1.89 11.46
CA GLN A 41 -24.78 -2.33 10.11
C GLN A 41 -23.75 -1.83 9.13
N THR A 42 -23.36 -0.57 9.37
CA THR A 42 -22.37 0.06 8.54
C THR A 42 -21.12 -0.78 8.55
N LEU A 43 -20.58 -1.03 9.75
CA LEU A 43 -19.41 -1.85 9.86
C LEU A 43 -19.60 -3.01 8.91
N ARG A 44 -20.71 -3.70 9.16
CA ARG A 44 -21.06 -4.81 8.33
C ARG A 44 -20.96 -4.44 6.88
N ASP A 45 -21.31 -3.22 6.56
CA ASP A 45 -21.25 -2.86 5.18
C ASP A 45 -19.83 -2.76 4.64
N TRP A 46 -18.87 -2.51 5.52
CA TRP A 46 -17.49 -2.34 5.15
C TRP A 46 -16.70 -3.64 5.17
N GLY A 47 -17.36 -4.78 5.14
CA GLY A 47 -16.60 -6.03 5.17
C GLY A 47 -16.18 -6.43 6.58
N VAL A 48 -16.40 -5.54 7.58
CA VAL A 48 -16.01 -5.86 8.94
C VAL A 48 -16.75 -7.07 9.45
N ASP A 49 -16.04 -7.92 10.16
CA ASP A 49 -16.64 -9.13 10.70
C ASP A 49 -17.13 -8.90 12.11
N VAL A 50 -18.41 -8.61 12.30
CA VAL A 50 -18.90 -8.40 13.65
C VAL A 50 -20.02 -9.36 14.02
N PHE A 51 -19.62 -10.40 14.75
CA PHE A 51 -20.53 -11.44 15.19
C PHE A 51 -21.50 -10.98 16.30
N THR A 52 -22.73 -11.51 16.27
CA THR A 52 -23.71 -11.17 17.29
C THR A 52 -24.25 -12.35 18.09
N VAL A 53 -24.34 -12.21 19.41
CA VAL A 53 -24.87 -13.31 20.21
C VAL A 53 -25.84 -12.91 21.31
N PRO A 54 -27.09 -13.27 21.10
CA PRO A 54 -28.17 -13.04 22.05
C PRO A 54 -27.83 -12.49 23.44
N GLY A 55 -27.77 -13.32 24.45
CA GLY A 55 -27.48 -12.74 25.74
C GLY A 55 -26.01 -12.39 25.88
N LYS A 56 -25.44 -11.77 24.87
CA LYS A 56 -24.03 -11.44 24.92
C LYS A 56 -23.65 -10.09 24.28
N GLY A 57 -24.07 -9.88 23.02
CA GLY A 57 -23.79 -8.63 22.28
C GLY A 57 -23.06 -8.79 20.94
N TYR A 58 -22.02 -7.96 20.79
CA TYR A 58 -21.20 -7.94 19.59
C TYR A 58 -19.73 -7.99 19.90
N SER A 59 -19.02 -8.58 18.94
CA SER A 59 -17.58 -8.69 19.02
C SER A 59 -16.98 -8.96 17.66
N LEU A 60 -15.64 -8.89 17.64
CA LEU A 60 -14.82 -9.09 16.47
C LEU A 60 -14.04 -10.39 16.59
N PRO A 61 -14.11 -11.23 15.54
CA PRO A 61 -13.40 -12.50 15.52
C PRO A 61 -11.92 -12.34 15.82
N GLU A 62 -11.46 -11.10 15.84
CA GLU A 62 -10.07 -10.84 16.06
C GLU A 62 -9.84 -9.40 16.28
N PRO A 63 -9.08 -9.16 17.33
CA PRO A 63 -8.69 -7.82 17.71
C PRO A 63 -7.91 -7.27 16.54
N ILE A 64 -7.86 -5.96 16.47
CA ILE A 64 -7.22 -5.37 15.34
C ILE A 64 -6.57 -4.04 15.65
N GLN A 65 -5.99 -3.54 14.57
CA GLN A 65 -5.33 -2.27 14.58
C GLN A 65 -6.02 -1.31 13.67
N LEU A 66 -5.92 -0.03 14.03
CA LEU A 66 -6.54 1.04 13.31
C LEU A 66 -5.58 2.16 13.07
N LEU A 67 -5.63 2.70 11.88
CA LEU A 67 -4.80 3.83 11.68
C LEU A 67 -5.19 4.80 12.75
N ASN A 68 -4.20 5.58 13.17
CA ASN A 68 -4.35 6.58 14.16
C ASN A 68 -3.49 7.75 13.76
N ALA A 69 -4.15 8.74 13.24
CA ALA A 69 -3.45 9.90 12.82
C ALA A 69 -2.35 10.37 13.79
N LYS A 70 -2.73 10.50 15.06
CA LYS A 70 -1.83 10.98 16.10
C LYS A 70 -0.50 10.29 16.11
N GLN A 71 -0.61 8.97 16.18
CA GLN A 71 0.53 8.15 16.20
C GLN A 71 1.43 8.35 15.03
N ILE A 72 0.81 8.30 13.86
CA ILE A 72 1.51 8.50 12.61
C ILE A 72 2.18 9.88 12.63
N LEU A 73 1.40 10.93 12.78
CA LEU A 73 2.03 12.21 12.73
C LEU A 73 2.98 12.43 13.85
N GLY A 74 2.81 11.61 14.86
CA GLY A 74 3.69 11.76 15.95
C GLY A 74 5.10 11.35 15.59
N GLN A 75 5.23 10.50 14.57
CA GLN A 75 6.57 10.04 14.24
C GLN A 75 7.10 10.55 12.94
N LEU A 76 6.43 11.58 12.43
CA LEU A 76 6.83 12.20 11.18
C LEU A 76 7.31 13.61 11.43
N ASP A 77 8.07 14.14 10.48
CA ASP A 77 8.55 15.49 10.68
C ASP A 77 7.70 16.55 10.04
N GLY A 78 7.82 16.71 8.74
CA GLY A 78 7.05 17.75 8.12
C GLY A 78 6.30 17.33 6.89
N GLY A 79 5.20 18.01 6.66
CA GLY A 79 4.39 17.73 5.50
C GLY A 79 3.00 17.24 5.89
N SER A 80 2.05 17.55 5.04
CA SER A 80 0.71 17.13 5.26
C SER A 80 0.60 15.65 5.01
N VAL A 81 -0.28 15.07 5.76
CA VAL A 81 -0.54 13.68 5.62
C VAL A 81 -1.97 13.57 6.06
N ALA A 82 -2.83 13.10 5.16
CA ALA A 82 -4.22 12.96 5.45
C ALA A 82 -4.48 11.53 5.79
N VAL A 83 -4.86 11.28 7.03
CA VAL A 83 -5.13 9.94 7.46
C VAL A 83 -6.62 9.81 7.47
N LEU A 84 -7.14 9.02 6.54
CA LEU A 84 -8.55 8.81 6.38
C LEU A 84 -8.86 7.36 6.25
N PRO A 85 -9.02 6.70 7.37
CA PRO A 85 -9.27 5.28 7.34
C PRO A 85 -10.30 4.90 6.32
N VAL A 86 -11.26 5.80 6.11
CA VAL A 86 -12.23 5.45 5.12
C VAL A 86 -12.28 6.46 4.02
N ILE A 87 -12.19 5.96 2.82
CA ILE A 87 -12.13 6.87 1.71
C ILE A 87 -12.53 6.22 0.40
N ASP A 88 -12.68 7.02 -0.65
CA ASP A 88 -13.02 6.43 -1.95
C ASP A 88 -11.80 5.77 -2.53
N SER A 89 -10.79 6.60 -2.74
CA SER A 89 -9.51 6.20 -3.22
C SER A 89 -8.47 7.22 -2.77
N THR A 90 -7.29 6.69 -2.45
CA THR A 90 -6.22 7.54 -1.98
C THR A 90 -5.69 8.39 -3.11
N ASN A 91 -5.70 7.78 -4.29
CA ASN A 91 -5.20 8.50 -5.43
C ASN A 91 -6.05 9.68 -5.88
N GLN A 92 -7.36 9.46 -5.94
CA GLN A 92 -8.28 10.49 -6.38
C GLN A 92 -8.25 11.62 -5.41
N TYR A 93 -8.27 11.26 -4.13
CA TYR A 93 -8.21 12.28 -3.11
C TYR A 93 -7.11 13.24 -3.48
N LEU A 94 -5.98 12.67 -3.81
CA LEU A 94 -4.88 13.57 -4.14
C LEU A 94 -5.07 14.27 -5.46
N LEU A 95 -5.54 13.48 -6.41
CA LEU A 95 -5.78 13.96 -7.73
C LEU A 95 -6.61 15.21 -7.71
N ASP A 96 -7.67 15.16 -6.94
CA ASP A 96 -8.59 16.28 -6.86
C ASP A 96 -8.01 17.52 -6.23
N ARG A 97 -6.83 17.40 -5.62
CA ARG A 97 -6.26 18.54 -4.93
C ARG A 97 -4.93 18.94 -5.49
N ILE A 98 -4.68 18.48 -6.69
CA ILE A 98 -3.41 18.79 -7.27
C ILE A 98 -2.88 20.21 -7.02
N GLY A 99 -3.80 21.15 -6.97
CA GLY A 99 -3.39 22.54 -6.78
C GLY A 99 -2.96 22.95 -5.37
N GLU A 100 -3.36 22.21 -4.35
CA GLU A 100 -3.03 22.56 -2.98
C GLU A 100 -1.92 21.72 -2.39
N LEU A 101 -1.33 20.81 -3.18
CA LEU A 101 -0.33 19.91 -2.64
C LEU A 101 1.05 20.36 -2.95
N LYS A 102 1.95 19.61 -2.37
CA LYS A 102 3.35 19.79 -2.55
C LYS A 102 3.93 18.43 -2.52
N SER A 103 5.07 18.34 -3.19
CA SER A 103 5.76 17.08 -3.23
C SER A 103 5.85 16.53 -1.82
N GLY A 104 5.47 15.29 -1.65
CA GLY A 104 5.57 14.73 -0.35
C GLY A 104 4.27 14.65 0.39
N ASP A 105 3.31 15.49 0.04
CA ASP A 105 2.05 15.43 0.75
C ASP A 105 1.51 14.04 0.53
N ALA A 106 0.77 13.52 1.51
CA ALA A 106 0.25 12.18 1.44
C ALA A 106 -1.12 11.98 2.04
N CYS A 107 -1.59 10.74 1.82
CA CYS A 107 -2.87 10.26 2.17
C CYS A 107 -2.79 8.77 2.39
N ILE A 108 -3.31 8.34 3.55
CA ILE A 108 -3.31 6.96 4.04
C ILE A 108 -4.71 6.46 4.42
N ALA A 109 -5.02 5.15 4.11
CA ALA A 109 -6.32 4.51 4.39
C ALA A 109 -6.24 3.02 4.59
N GLU A 110 -7.31 2.43 5.12
CA GLU A 110 -7.30 0.99 5.30
C GLU A 110 -8.55 0.36 4.75
N TYR A 111 -9.25 1.16 3.96
CA TYR A 111 -10.49 0.79 3.28
C TYR A 111 -10.80 1.79 2.18
N GLN A 112 -11.02 1.29 0.97
CA GLN A 112 -11.32 2.09 -0.21
C GLN A 112 -12.67 1.70 -0.76
N GLN A 113 -13.65 2.59 -0.58
CA GLN A 113 -15.01 2.41 -1.04
C GLN A 113 -15.02 2.09 -2.50
N ALA A 114 -14.13 2.77 -3.25
CA ALA A 114 -13.89 2.60 -4.67
C ALA A 114 -13.26 1.24 -4.97
N GLY A 115 -12.47 0.72 -4.04
CA GLY A 115 -11.81 -0.55 -4.21
C GLY A 115 -10.32 -0.31 -4.47
N SER A 125 -12.37 -6.27 -0.96
CA SER A 125 -11.36 -5.86 0.03
C SER A 125 -11.89 -5.08 1.26
N PRO A 126 -12.04 -5.83 2.34
CA PRO A 126 -12.59 -5.36 3.60
C PRO A 126 -11.76 -4.39 4.41
N PHE A 127 -12.49 -3.58 5.14
CA PHE A 127 -11.92 -2.61 6.02
C PHE A 127 -10.76 -3.20 6.81
N GLY A 128 -9.55 -2.62 6.71
CA GLY A 128 -8.42 -3.15 7.48
C GLY A 128 -7.58 -4.29 6.90
N ALA A 129 -8.02 -4.92 5.82
CA ALA A 129 -7.23 -5.97 5.22
C ALA A 129 -5.95 -5.44 4.55
N ASN A 130 -5.99 -4.20 4.07
CA ASN A 130 -4.88 -3.62 3.37
C ASN A 130 -4.54 -2.25 3.81
N LEU A 131 -3.33 -1.87 3.39
CA LEU A 131 -2.86 -0.57 3.71
C LEU A 131 -2.75 0.18 2.41
N TYR A 132 -3.35 1.35 2.33
CA TYR A 132 -3.28 2.14 1.16
C TYR A 132 -2.54 3.39 1.44
N LEU A 133 -1.77 3.80 0.48
CA LEU A 133 -0.99 4.98 0.63
C LEU A 133 -0.78 5.55 -0.76
N SER A 134 -0.82 6.87 -0.81
CA SER A 134 -0.58 7.61 -2.01
C SER A 134 0.20 8.84 -1.66
N MET A 135 1.02 9.30 -2.59
CA MET A 135 1.81 10.46 -2.35
C MET A 135 1.95 11.25 -3.64
N PHE A 136 2.11 12.55 -3.47
CA PHE A 136 2.25 13.44 -4.61
C PHE A 136 3.68 13.90 -4.78
N TRP A 137 4.05 14.07 -6.02
CA TRP A 137 5.36 14.56 -6.24
C TRP A 137 5.42 15.27 -7.55
N ARG A 138 6.17 16.34 -7.56
CA ARG A 138 6.36 17.13 -8.74
C ARG A 138 7.82 17.08 -9.14
N LEU A 139 8.13 16.45 -10.29
CA LEU A 139 9.50 16.37 -10.81
C LEU A 139 9.82 17.66 -11.55
N GLU A 140 11.05 18.13 -11.45
CA GLU A 140 11.43 19.38 -12.13
C GLU A 140 11.20 19.34 -13.66
N GLN A 141 11.33 18.13 -14.23
CA GLN A 141 11.20 17.87 -15.66
C GLN A 141 10.02 16.95 -15.98
N PRO A 143 8.29 14.50 -17.16
CA PRO A 143 7.91 13.09 -17.17
C PRO A 143 9.13 12.23 -17.31
N ALA A 144 10.21 12.72 -16.74
CA ALA A 144 11.48 12.02 -16.78
C ALA A 144 11.64 11.09 -15.58
N ALA A 145 11.11 9.86 -15.70
CA ALA A 145 11.24 8.96 -14.59
C ALA A 145 10.53 7.68 -14.86
N ALA A 146 9.24 7.81 -14.51
CA ALA A 146 8.21 6.79 -14.62
C ALA A 146 8.77 5.42 -14.29
N ILE A 147 8.90 4.59 -15.31
CA ILE A 147 9.47 3.32 -15.00
C ILE A 147 10.63 3.57 -14.01
N GLY A 148 11.50 4.51 -14.30
CA GLY A 148 12.47 4.65 -13.27
C GLY A 148 11.79 4.69 -11.91
N LEU A 149 10.91 5.65 -11.79
CA LEU A 149 10.17 5.92 -10.58
C LEU A 149 9.57 4.68 -9.89
N SER A 150 8.80 3.91 -10.65
CA SER A 150 8.17 2.73 -10.10
C SER A 150 9.16 1.75 -9.48
N LEU A 151 10.32 1.73 -10.07
CA LEU A 151 11.31 0.82 -9.56
C LEU A 151 11.79 1.29 -8.19
N VAL A 152 12.09 2.53 -8.09
CA VAL A 152 12.50 3.06 -6.84
C VAL A 152 11.47 2.77 -5.74
N ILE A 153 10.18 3.06 -6.01
CA ILE A 153 9.14 2.81 -5.01
C ILE A 153 9.11 1.35 -4.52
N GLY A 154 9.34 0.41 -5.42
CA GLY A 154 9.30 -0.97 -4.95
C GLY A 154 10.46 -1.28 -4.00
N ILE A 155 11.61 -0.74 -4.35
CA ILE A 155 12.85 -0.96 -3.60
C ILE A 155 12.65 -0.52 -2.11
N VAL A 156 12.31 0.73 -1.98
CA VAL A 156 12.10 1.29 -0.71
C VAL A 156 11.09 0.54 0.07
N MET A 157 9.96 0.35 -0.48
CA MET A 157 8.96 -0.37 0.25
C MET A 157 9.46 -1.73 0.68
N ALA A 158 10.19 -2.38 -0.21
CA ALA A 158 10.68 -3.72 0.12
C ALA A 158 11.69 -3.59 1.25
N GLU A 159 12.49 -2.53 1.12
CA GLU A 159 13.52 -2.26 2.10
C GLU A 159 12.89 -2.02 3.47
N VAL A 160 11.91 -1.14 3.50
CA VAL A 160 11.21 -0.87 4.73
C VAL A 160 10.63 -2.13 5.31
N LEU A 161 9.96 -2.94 4.51
CA LEU A 161 9.35 -4.12 5.09
C LEU A 161 10.37 -5.06 5.67
N ARG A 162 11.51 -5.05 5.07
CA ARG A 162 12.51 -5.95 5.55
C ARG A 162 12.99 -5.55 6.94
N LYS A 163 13.26 -4.27 7.08
CA LYS A 163 13.66 -3.68 8.35
C LYS A 163 12.75 -4.03 9.55
N LEU A 164 11.46 -4.13 9.32
CA LEU A 164 10.51 -4.44 10.33
C LEU A 164 10.39 -5.94 10.39
N GLY A 165 11.30 -6.63 9.71
CA GLY A 165 11.26 -8.07 9.83
C GLY A 165 10.63 -9.00 8.81
N ALA A 166 10.18 -8.53 7.64
CA ALA A 166 9.64 -9.46 6.64
C ALA A 166 10.78 -9.65 5.66
N ASP A 167 11.64 -10.58 6.03
CA ASP A 167 12.85 -10.75 5.28
C ASP A 167 12.82 -11.18 3.84
N LYS A 168 12.00 -12.14 3.49
CA LYS A 168 12.00 -12.61 2.12
C LYS A 168 11.19 -11.78 1.14
N VAL A 169 10.97 -10.51 1.41
CA VAL A 169 10.17 -9.72 0.50
C VAL A 169 11.00 -9.39 -0.72
N ARG A 170 10.45 -9.55 -1.93
CA ARG A 170 11.22 -9.23 -3.13
C ARG A 170 10.42 -8.39 -4.09
N VAL A 171 11.11 -7.84 -5.06
CA VAL A 171 10.40 -7.04 -6.03
C VAL A 171 10.22 -7.82 -7.31
N LYS A 172 9.17 -7.41 -7.99
CA LYS A 172 8.76 -7.94 -9.28
C LYS A 172 8.69 -6.77 -10.25
N TRP A 173 9.54 -6.81 -11.30
CA TRP A 173 9.62 -5.75 -12.28
C TRP A 173 8.27 -5.51 -12.93
N PRO A 174 7.78 -4.28 -12.98
CA PRO A 174 8.45 -3.13 -12.50
C PRO A 174 7.71 -2.55 -11.32
N ASN A 175 6.67 -3.25 -10.87
CA ASN A 175 5.83 -2.63 -9.83
C ASN A 175 5.14 -3.47 -8.74
N ASP A 176 5.63 -4.64 -8.34
CA ASP A 176 4.92 -5.36 -7.29
C ASP A 176 5.88 -5.79 -6.31
N LEU A 177 5.35 -6.21 -5.18
CA LEU A 177 6.24 -6.74 -4.18
C LEU A 177 5.85 -8.18 -4.11
N TYR A 178 6.79 -9.06 -3.85
CA TYR A 178 6.44 -10.48 -3.75
C TYR A 178 6.94 -11.05 -2.45
N LEU A 179 6.34 -12.18 -2.07
CA LEU A 179 6.69 -12.92 -0.85
C LEU A 179 6.35 -14.37 -1.11
N GLN A 180 7.32 -15.27 -1.01
CA GLN A 180 7.03 -16.67 -1.32
C GLN A 180 6.40 -16.84 -2.68
N ASP A 181 6.89 -16.09 -3.66
CA ASP A 181 6.40 -16.20 -5.02
C ASP A 181 4.95 -15.83 -5.22
N ARG A 182 4.37 -15.07 -4.29
CA ARG A 182 2.99 -14.56 -4.40
C ARG A 182 2.96 -13.03 -4.22
N LYS A 183 1.96 -12.36 -4.78
CA LYS A 183 1.84 -10.92 -4.66
C LYS A 183 1.33 -10.41 -3.28
N LEU A 184 2.06 -9.43 -2.74
CA LEU A 184 1.86 -8.82 -1.44
C LEU A 184 1.51 -7.36 -1.57
N ALA A 185 1.90 -6.77 -2.71
CA ALA A 185 1.65 -5.35 -2.89
C ALA A 185 1.78 -4.92 -4.34
N GLY A 186 1.13 -3.81 -4.65
CA GLY A 186 1.04 -3.27 -5.97
C GLY A 186 1.11 -1.78 -5.93
N ILE A 187 1.81 -1.29 -6.90
CA ILE A 187 2.07 0.09 -7.01
C ILE A 187 1.56 0.67 -8.28
N LEU A 188 1.13 1.91 -8.20
CA LEU A 188 0.63 2.53 -9.36
C LEU A 188 1.11 3.91 -9.49
N VAL A 189 1.41 4.33 -10.70
CA VAL A 189 1.88 5.67 -10.95
C VAL A 189 1.04 6.36 -12.01
N GLU A 190 0.66 7.60 -11.71
CA GLU A 190 -0.16 8.39 -12.59
C GLU A 190 0.39 9.77 -12.87
N LEU A 191 0.46 10.11 -14.16
CA LEU A 191 0.99 11.38 -14.61
C LEU A 191 -0.07 12.36 -14.95
N THR A 192 0.28 13.61 -14.84
CA THR A 192 -0.67 14.66 -15.11
C THR A 192 -0.09 15.77 -15.96
N GLY A 193 -0.82 16.01 -17.09
CA GLY A 193 -0.51 17.01 -18.11
C GLY A 193 -0.03 18.33 -17.48
N ALA A 198 7.92 20.42 -15.44
CA ALA A 198 7.10 20.03 -14.29
C ALA A 198 6.04 18.98 -14.61
N ALA A 199 6.34 17.78 -14.17
CA ALA A 199 5.48 16.62 -14.31
C ALA A 199 4.88 16.28 -12.95
N GLN A 200 3.54 16.37 -12.82
CA GLN A 200 2.82 16.09 -11.58
C GLN A 200 2.53 14.61 -11.47
N ILE A 201 2.95 13.95 -10.41
CA ILE A 201 2.71 12.54 -10.29
C ILE A 201 2.02 12.23 -8.97
N VAL A 202 1.24 11.17 -8.98
CA VAL A 202 0.56 10.73 -7.79
C VAL A 202 0.89 9.27 -7.69
N ILE A 203 1.63 8.87 -6.67
CA ILE A 203 2.00 7.51 -6.51
C ILE A 203 1.01 6.87 -5.60
N GLY A 204 0.73 5.60 -5.80
CA GLY A 204 -0.19 4.89 -4.93
C GLY A 204 0.30 3.47 -4.72
N ALA A 205 0.07 2.93 -3.56
CA ALA A 205 0.48 1.59 -3.30
C ALA A 205 -0.53 1.04 -2.37
N GLY A 206 -0.66 -0.31 -2.39
CA GLY A 206 -1.54 -1.10 -1.54
C GLY A 206 -0.84 -2.36 -1.05
N ILE A 207 -0.80 -2.56 0.27
CA ILE A 207 -0.12 -3.73 0.84
C ILE A 207 -1.11 -4.65 1.46
N ASN A 208 -0.95 -5.94 1.23
CA ASN A 208 -1.84 -6.91 1.80
C ASN A 208 -1.44 -7.23 3.22
N MET A 209 -2.14 -6.61 4.15
CA MET A 209 -1.83 -6.74 5.56
C MET A 209 -2.36 -8.00 6.17
N ALA A 210 -3.66 -8.17 6.01
CA ALA A 210 -4.29 -9.29 6.65
C ALA A 210 -5.47 -9.83 5.93
N MET A 211 -5.85 -11.04 6.34
CA MET A 211 -7.02 -11.72 5.82
C MET A 211 -7.73 -12.42 6.97
N TRP A 223 -1.72 -14.20 -4.75
CA TRP A 223 -2.12 -13.36 -3.55
C TRP A 223 -1.78 -13.84 -2.13
N ILE A 224 -0.99 -13.06 -1.42
CA ILE A 224 -0.56 -13.42 -0.07
C ILE A 224 -0.55 -12.21 0.82
N THR A 225 -0.55 -12.44 2.12
CA THR A 225 -0.56 -11.34 3.09
C THR A 225 0.50 -11.44 4.19
N LEU A 226 0.83 -10.31 4.84
CA LEU A 226 1.81 -10.28 5.90
C LEU A 226 1.42 -11.20 7.06
N GLN A 227 0.13 -11.30 7.35
CA GLN A 227 -0.32 -12.12 8.45
C GLN A 227 -0.11 -13.58 8.09
N GLU A 228 -0.53 -13.85 6.86
CA GLU A 228 -0.46 -15.16 6.24
C GLU A 228 0.90 -15.75 6.41
N ALA A 229 1.87 -14.88 6.50
CA ALA A 229 3.21 -15.37 6.67
C ALA A 229 3.88 -15.06 8.00
N GLY A 230 3.08 -14.93 9.08
CA GLY A 230 3.61 -14.74 10.42
C GLY A 230 4.12 -13.34 10.69
N ILE A 231 3.88 -12.43 9.79
CA ILE A 231 4.40 -11.14 10.15
C ILE A 231 3.31 -10.28 10.67
N ASN A 232 3.57 -9.62 11.79
CA ASN A 232 2.54 -8.79 12.34
C ASN A 232 2.92 -7.34 12.72
N LEU A 233 3.11 -6.52 11.71
CA LEU A 233 3.54 -5.15 11.89
C LEU A 233 2.56 -4.14 12.46
N ASP A 234 3.08 -3.18 13.16
CA ASP A 234 2.26 -2.10 13.62
C ASP A 234 1.98 -1.26 12.37
N ARG A 235 0.72 -1.09 12.00
CA ARG A 235 0.43 -0.34 10.80
C ARG A 235 0.78 1.14 10.82
N ASN A 236 0.76 1.76 12.00
CA ASN A 236 1.06 3.18 12.07
C ASN A 236 2.50 3.47 11.87
N THR A 237 3.32 2.59 12.41
CA THR A 237 4.75 2.70 12.26
C THR A 237 5.12 2.44 10.79
N LEU A 238 4.57 1.32 10.20
CA LEU A 238 4.79 1.01 8.80
C LEU A 238 4.38 2.20 7.94
N ALA A 239 3.23 2.75 8.23
CA ALA A 239 2.85 3.92 7.47
C ALA A 239 3.88 5.02 7.60
N ALA A 240 4.32 5.27 8.84
CA ALA A 240 5.26 6.34 9.10
C ALA A 240 6.54 6.26 8.34
N MET A 241 7.18 5.14 8.50
CA MET A 241 8.44 4.83 7.82
C MET A 241 8.37 5.05 6.31
N LEU A 242 7.39 4.39 5.68
CA LEU A 242 7.13 4.49 4.26
C LEU A 242 7.06 5.92 3.81
N ILE A 243 6.33 6.70 4.55
CA ILE A 243 6.27 8.08 4.07
C ILE A 243 7.61 8.79 4.14
N ARG A 244 8.25 8.56 5.26
CA ARG A 244 9.53 9.19 5.52
C ARG A 244 10.53 8.83 4.46
N GLU A 245 10.67 7.54 4.35
CA GLU A 245 11.52 6.85 3.44
C GLU A 245 11.20 7.16 2.01
N LEU A 246 9.90 7.09 1.63
CA LEU A 246 9.56 7.43 0.28
C LEU A 246 9.99 8.84 -0.08
N ARG A 247 9.72 9.75 0.83
CA ARG A 247 10.08 11.16 0.62
C ARG A 247 11.58 11.33 0.43
N ALA A 248 12.36 10.57 1.20
CA ALA A 248 13.80 10.68 1.07
C ALA A 248 14.25 10.16 -0.28
N ALA A 249 13.79 8.97 -0.61
CA ALA A 249 14.18 8.33 -1.85
C ALA A 249 13.82 9.14 -3.09
N LEU A 250 12.64 9.74 -3.09
CA LEU A 250 12.24 10.52 -4.25
C LEU A 250 13.09 11.74 -4.45
N GLU A 251 13.48 12.39 -3.36
CA GLU A 251 14.33 13.52 -3.66
C GLU A 251 15.71 13.05 -4.09
N LEU A 252 16.10 11.86 -3.68
CA LEU A 252 17.37 11.37 -4.15
C LEU A 252 17.19 11.07 -5.62
N PHE A 253 16.05 10.49 -5.97
CA PHE A 253 15.78 10.15 -7.34
C PHE A 253 15.83 11.36 -8.24
N GLU A 254 15.09 12.35 -7.78
CA GLU A 254 14.95 13.59 -8.48
C GLU A 254 16.28 14.23 -8.82
N GLN A 255 17.39 13.76 -8.27
CA GLN A 255 18.60 14.39 -8.70
C GLN A 255 19.72 13.47 -9.21
N GLU A 256 19.63 12.20 -8.88
CA GLU A 256 20.65 11.28 -9.31
C GLU A 256 20.07 10.22 -10.17
N GLY A 257 18.74 10.23 -10.29
CA GLY A 257 18.08 9.22 -11.06
C GLY A 257 18.26 7.82 -10.42
N LEU A 258 18.24 6.85 -11.29
CA LEU A 258 18.29 5.46 -10.92
C LEU A 258 19.62 4.92 -10.41
N ALA A 259 20.69 5.52 -10.88
CA ALA A 259 22.02 5.07 -10.56
C ALA A 259 22.21 4.51 -9.16
N PRO A 260 21.77 5.31 -8.21
CA PRO A 260 21.91 4.95 -6.82
C PRO A 260 21.08 3.75 -6.33
N TYR A 261 20.26 3.13 -7.20
CA TYR A 261 19.40 2.04 -6.81
C TYR A 261 19.74 0.77 -7.51
N LEU A 262 20.43 0.95 -8.61
CA LEU A 262 20.82 -0.16 -9.44
C LEU A 262 21.31 -1.35 -8.66
N SER A 263 22.11 -1.09 -7.70
CA SER A 263 22.60 -2.23 -6.97
C SER A 263 21.57 -2.80 -6.06
N ARG A 264 20.74 -1.90 -5.54
CA ARG A 264 19.69 -2.28 -4.65
C ARG A 264 18.68 -3.15 -5.40
N TRP A 265 18.23 -2.65 -6.56
CA TRP A 265 17.36 -3.48 -7.34
C TRP A 265 17.86 -4.92 -7.36
N GLU A 266 19.17 -5.07 -7.69
CA GLU A 266 19.77 -6.39 -7.82
C GLU A 266 19.56 -7.33 -6.67
N LYS A 267 19.79 -6.87 -5.48
CA LYS A 267 19.61 -7.77 -4.35
C LYS A 267 18.17 -8.24 -4.10
N LEU A 268 17.18 -7.48 -4.60
CA LEU A 268 15.75 -7.68 -4.37
C LEU A 268 14.94 -8.37 -5.43
N ASP A 269 15.47 -8.41 -6.64
CA ASP A 269 14.75 -8.97 -7.76
C ASP A 269 14.32 -10.39 -7.57
N ASN A 270 13.02 -10.52 -7.45
CA ASN A 270 12.46 -11.82 -7.27
C ASN A 270 12.74 -12.80 -8.38
N PHE A 271 12.94 -12.29 -9.59
CA PHE A 271 13.11 -13.15 -10.74
C PHE A 271 14.46 -13.15 -11.38
N ILE A 272 15.35 -12.35 -10.90
CA ILE A 272 16.63 -12.33 -11.56
C ILE A 272 17.18 -13.73 -11.69
N ASN A 273 17.68 -14.07 -12.89
CA ASN A 273 18.25 -15.34 -13.32
C ASN A 273 17.28 -16.47 -13.30
N ARG A 274 16.02 -16.15 -13.51
CA ARG A 274 15.01 -17.16 -13.54
C ARG A 274 14.29 -17.08 -14.84
N PRO A 275 13.81 -18.20 -15.24
CA PRO A 275 13.10 -18.27 -16.51
C PRO A 275 11.72 -17.60 -16.40
N VAL A 276 11.49 -16.53 -17.10
CA VAL A 276 10.18 -16.00 -16.98
C VAL A 276 9.49 -15.92 -18.31
N LYS A 277 8.23 -15.59 -18.26
CA LYS A 277 7.48 -15.36 -19.46
C LYS A 277 7.10 -13.89 -19.43
N LEU A 278 7.27 -13.22 -20.53
CA LEU A 278 6.98 -11.80 -20.66
C LEU A 278 5.92 -11.62 -21.71
N ILE A 279 4.77 -11.15 -21.29
CA ILE A 279 3.64 -10.88 -22.14
C ILE A 279 3.68 -9.43 -22.49
N ILE A 280 3.84 -9.18 -23.77
CA ILE A 280 3.92 -7.82 -24.19
C ILE A 280 2.96 -7.63 -25.36
N GLY A 281 1.77 -7.16 -24.98
CA GLY A 281 0.68 -7.02 -25.91
C GLY A 281 0.07 -8.41 -26.13
N ASP A 282 0.06 -8.86 -27.38
CA ASP A 282 -0.46 -10.17 -27.70
C ASP A 282 0.66 -11.18 -27.50
N LYS A 283 1.86 -10.69 -27.76
CA LYS A 283 3.10 -11.44 -27.68
C LYS A 283 3.52 -11.95 -26.30
N GLU A 284 3.69 -13.27 -26.30
CA GLU A 284 4.11 -14.10 -25.20
C GLU A 284 5.54 -14.43 -25.51
N ILE A 285 6.48 -13.84 -24.79
CA ILE A 285 7.90 -14.05 -25.05
C ILE A 285 8.53 -14.79 -23.91
N PHE A 286 9.29 -15.83 -24.20
CA PHE A 286 9.97 -16.61 -23.18
C PHE A 286 11.41 -16.25 -23.00
N GLY A 287 11.93 -16.36 -21.78
CA GLY A 287 13.32 -16.03 -21.54
C GLY A 287 13.82 -16.17 -20.10
N ILE A 288 15.04 -15.70 -19.93
CA ILE A 288 15.59 -15.74 -18.61
C ILE A 288 15.82 -14.34 -18.15
N SER A 289 15.28 -13.98 -16.98
CA SER A 289 15.48 -12.64 -16.48
C SER A 289 16.94 -12.42 -16.17
N ARG A 290 17.45 -11.23 -16.47
CA ARG A 290 18.83 -10.88 -16.13
C ARG A 290 18.86 -9.58 -15.33
N GLY A 291 17.70 -9.12 -14.88
CA GLY A 291 17.61 -7.90 -14.11
C GLY A 291 17.23 -6.73 -14.98
N ILE A 292 17.74 -5.57 -14.61
CA ILE A 292 17.48 -4.36 -15.34
C ILE A 292 18.76 -3.66 -15.78
N ASP A 293 18.61 -2.71 -16.70
CA ASP A 293 19.68 -1.89 -17.14
C ASP A 293 19.61 -0.55 -16.40
N LYS A 294 20.62 0.26 -16.61
CA LYS A 294 20.78 1.57 -16.00
C LYS A 294 19.63 2.50 -16.29
N GLN A 295 18.70 2.03 -17.10
CA GLN A 295 17.56 2.87 -17.44
C GLN A 295 16.29 2.26 -16.88
N GLY A 296 16.48 1.14 -16.21
CA GLY A 296 15.38 0.44 -15.60
C GLY A 296 14.64 -0.46 -16.56
N ALA A 297 15.33 -0.88 -17.60
CA ALA A 297 14.73 -1.74 -18.56
C ALA A 297 15.00 -3.19 -18.22
N LEU A 298 14.04 -4.03 -18.51
CA LEU A 298 14.22 -5.42 -18.23
C LEU A 298 15.20 -6.10 -19.18
N LEU A 299 16.19 -6.78 -18.64
CA LEU A 299 17.11 -7.48 -19.50
C LEU A 299 16.66 -8.91 -19.71
N LEU A 300 16.10 -9.18 -20.87
CA LEU A 300 15.67 -10.55 -21.10
C LEU A 300 16.64 -11.32 -22.03
N GLU A 301 17.11 -12.46 -21.57
CA GLU A 301 18.01 -13.16 -22.42
C GLU A 301 17.30 -14.26 -23.11
N GLN A 302 17.29 -14.16 -24.42
CA GLN A 302 16.70 -15.23 -25.19
C GLN A 302 17.64 -15.85 -26.21
N ASP A 303 17.83 -17.16 -25.97
CA ASP A 303 18.70 -17.99 -26.76
C ASP A 303 19.94 -17.18 -27.12
N GLY A 304 20.74 -16.95 -26.06
CA GLY A 304 22.06 -16.30 -26.11
C GLY A 304 22.03 -14.86 -26.50
N ILE A 305 20.83 -14.37 -26.64
CA ILE A 305 20.76 -12.98 -26.95
C ILE A 305 20.12 -12.30 -25.82
N ILE A 306 20.61 -11.13 -25.52
CA ILE A 306 20.05 -10.39 -24.43
C ILE A 306 19.60 -9.01 -24.87
N LYS A 307 18.35 -8.67 -24.63
CA LYS A 307 17.84 -7.38 -24.98
C LYS A 307 17.01 -6.79 -23.88
N PRO A 308 16.91 -5.47 -23.94
CA PRO A 308 16.19 -4.67 -22.97
C PRO A 308 14.79 -4.47 -23.46
N TRP A 309 13.85 -4.60 -22.54
CA TRP A 309 12.44 -4.41 -22.82
C TRP A 309 11.93 -3.34 -21.88
N MET A 310 11.27 -2.34 -22.45
CA MET A 310 10.76 -1.19 -21.73
C MET A 310 9.31 -1.31 -21.23
N GLY A 311 8.64 -2.44 -21.43
CA GLY A 311 7.28 -2.66 -20.99
C GLY A 311 6.91 -4.14 -21.07
N GLY A 312 5.73 -4.51 -20.56
CA GLY A 312 5.28 -5.89 -20.57
C GLY A 312 4.98 -6.39 -19.16
N GLU A 313 4.45 -7.58 -19.06
CA GLU A 313 4.14 -8.12 -17.77
C GLU A 313 4.91 -9.40 -17.52
N ILE A 314 5.74 -9.33 -16.52
CA ILE A 314 6.48 -10.50 -16.26
C ILE A 314 5.71 -11.57 -15.47
N SER A 315 5.90 -12.84 -15.76
CA SER A 315 5.26 -13.92 -14.99
C SER A 315 6.23 -15.11 -14.87
N LEU A 316 5.98 -15.97 -13.91
CA LEU A 316 6.85 -17.10 -13.71
C LEU A 316 6.49 -18.20 -14.66
N ARG A 317 7.49 -18.77 -15.28
CA ARG A 317 7.23 -19.86 -16.19
C ARG A 317 8.00 -21.11 -15.80
#